data_6PJ3
#
_entry.id   6PJ3
#
_cell.length_a   105.800
_cell.length_b   105.800
_cell.length_c   53.440
_cell.angle_alpha   90.00
_cell.angle_beta   90.00
_cell.angle_gamma   120.00
#
_symmetry.space_group_name_H-M   'P 32 2 1'
#
loop_
_entity.id
_entity.type
_entity.pdbx_description
1 polymer 'UDP-2,3-diacylglucosamine hydrolase'
2 non-polymer 'MANGANESE (II) ION'
3 non-polymer 1-[5-({4-[3-chloro-5-(trifluoromethyl)phenyl]piperazin-1-yl}sulfonyl)-2,3-dihydro-1H-indol-1-yl]ethan-1-one
4 non-polymer 1,2-ETHANEDIOL
5 water water
#
_entity_poly.entity_id   1
_entity_poly.type   'polypeptide(L)'
_entity_poly.pdbx_seq_one_letter_code
;MATLFIADLHLQTEEPAITAGFLRFLQGEARQADALYILGDLFEAWIGDDDPNPLHQQIASAIKAVVDAGVPCYFIHGNR
DFLVGQRFARQSGMILLAEEERLDLYGREVLIMHGDTLCTDDQGYLAFRAKVHTPWIQRLFLALPLFIRHRIAARMRADS
KAANSSKSMEIMDVNPQAVVDAMERHHVQWLIHGHTHRPAVHELQANGQPAWRVVLGAWHSEGSMVKVTPDDVELIHFPF
LEENLYFQSHHHHHHHHHH
;
_entity_poly.pdbx_strand_id   A
#
loop_
_chem_comp.id
_chem_comp.type
_chem_comp.name
_chem_comp.formula
EDO non-polymer 1,2-ETHANEDIOL 'C2 H6 O2'
MN non-polymer 'MANGANESE (II) ION' 'Mn 2'
OKY non-polymer 1-[5-({4-[3-chloro-5-(trifluoromethyl)phenyl]piperazin-1-yl}sulfonyl)-2,3-dihydro-1H-indol-1-yl]ethan-1-one 'C21 H21 Cl F3 N3 O3 S'
#
# COMPACT_ATOMS: atom_id res chain seq x y z
N ALA A 2 -0.26 17.99 -6.31
CA ALA A 2 0.45 17.09 -5.42
C ALA A 2 0.01 15.64 -5.65
N THR A 3 0.97 14.72 -5.59
CA THR A 3 0.71 13.30 -5.74
C THR A 3 0.81 12.62 -4.39
N LEU A 4 -0.18 11.80 -4.06
CA LEU A 4 -0.30 11.19 -2.74
C LEU A 4 0.06 9.72 -2.81
N PHE A 5 0.70 9.24 -1.73
CA PHE A 5 1.07 7.83 -1.59
C PHE A 5 0.65 7.36 -0.20
N ILE A 6 -0.02 6.21 -0.16
CA ILE A 6 -0.41 5.57 1.10
C ILE A 6 -0.16 4.08 0.96
N ALA A 7 -0.10 3.41 2.11
CA ALA A 7 0.13 1.96 2.15
C ALA A 7 -0.14 1.48 3.57
N ASP A 8 -0.26 0.15 3.69
CA ASP A 8 -0.32 -0.52 4.99
C ASP A 8 -1.48 -0.01 5.84
N LEU A 9 -2.65 0.11 5.23
CA LEU A 9 -3.85 0.47 5.98
C LEU A 9 -4.43 -0.73 6.71
N HIS A 10 -4.33 -1.91 6.09
CA HIS A 10 -4.80 -3.16 6.70
C HIS A 10 -6.28 -3.08 7.07
N LEU A 11 -7.09 -2.63 6.12
CA LEU A 11 -8.51 -2.47 6.38
C LEU A 11 -9.17 -3.81 6.70
N GLN A 12 -10.09 -3.78 7.65
CA GLN A 12 -10.79 -4.98 8.09
C GLN A 12 -12.04 -4.55 8.86
N THR A 13 -13.06 -5.39 8.82
CA THR A 13 -14.32 -5.05 9.46
C THR A 13 -14.16 -4.91 10.97
N GLU A 14 -13.16 -5.58 11.56
CA GLU A 14 -12.91 -5.49 12.98
C GLU A 14 -12.23 -4.18 13.39
N GLU A 15 -11.87 -3.33 12.43
CA GLU A 15 -11.21 -2.04 12.71
C GLU A 15 -11.97 -0.93 11.97
N PRO A 16 -13.19 -0.63 12.39
CA PRO A 16 -13.97 0.39 11.66
C PRO A 16 -13.40 1.79 11.75
N ALA A 17 -12.58 2.07 12.77
CA ALA A 17 -11.99 3.40 12.88
C ALA A 17 -11.02 3.67 11.75
N ILE A 18 -10.22 2.66 11.36
CA ILE A 18 -9.34 2.82 10.21
C ILE A 18 -10.14 3.03 8.95
N THR A 19 -11.24 2.28 8.80
CA THR A 19 -12.10 2.42 7.62
C THR A 19 -12.69 3.83 7.55
N ALA A 20 -13.18 4.33 8.68
CA ALA A 20 -13.76 5.67 8.71
C ALA A 20 -12.71 6.74 8.38
N GLY A 21 -11.49 6.55 8.88
CA GLY A 21 -10.42 7.49 8.56
C GLY A 21 -10.06 7.47 7.09
N PHE A 22 -10.06 6.28 6.47
CA PHE A 22 -9.77 6.19 5.05
C PHE A 22 -10.87 6.84 4.22
N LEU A 23 -12.13 6.65 4.63
CA LEU A 23 -13.23 7.28 3.91
C LEU A 23 -13.18 8.79 4.02
N ARG A 24 -12.83 9.31 5.19
CA ARG A 24 -12.66 10.75 5.35
C ARG A 24 -11.48 11.25 4.51
N PHE A 25 -10.42 10.45 4.41
CA PHE A 25 -9.28 10.81 3.57
C PHE A 25 -9.67 10.83 2.09
N LEU A 26 -10.52 9.90 1.68
CA LEU A 26 -10.92 9.83 0.27
C LEU A 26 -11.85 10.97 -0.10
N GLN A 27 -12.73 11.37 0.81
CA GLN A 27 -13.65 12.47 0.55
C GLN A 27 -13.00 13.84 0.70
N GLY A 28 -11.82 13.93 1.29
CA GLY A 28 -11.20 15.22 1.52
C GLY A 28 -9.87 15.42 0.81
N GLU A 29 -8.80 14.90 1.39
CA GLU A 29 -7.46 15.15 0.87
C GLU A 29 -7.28 14.59 -0.53
N ALA A 30 -7.84 13.40 -0.79
CA ALA A 30 -7.61 12.73 -2.06
C ALA A 30 -8.26 13.46 -3.23
N ARG A 31 -9.33 14.21 -2.97
CA ARG A 31 -10.02 14.90 -4.05
C ARG A 31 -9.19 16.03 -4.66
N GLN A 32 -8.24 16.58 -3.91
N GLN A 32 -8.24 16.59 -3.91
CA GLN A 32 -7.40 17.67 -4.38
CA GLN A 32 -7.40 17.67 -4.40
C GLN A 32 -6.04 17.20 -4.89
C GLN A 32 -6.11 17.19 -5.03
N ALA A 33 -5.85 15.89 -5.04
CA ALA A 33 -4.58 15.36 -5.51
C ALA A 33 -4.56 15.23 -7.02
N ASP A 34 -3.35 15.25 -7.59
CA ASP A 34 -3.19 14.94 -9.01
C ASP A 34 -3.33 13.45 -9.27
N ALA A 35 -2.99 12.62 -8.28
CA ALA A 35 -3.07 11.16 -8.39
C ALA A 35 -2.95 10.58 -6.99
N LEU A 36 -3.46 9.36 -6.84
CA LEU A 36 -3.38 8.62 -5.59
C LEU A 36 -2.78 7.26 -5.86
N TYR A 37 -1.67 6.95 -5.20
CA TYR A 37 -1.00 5.66 -5.31
C TYR A 37 -1.13 4.92 -3.99
N ILE A 38 -1.64 3.69 -4.06
CA ILE A 38 -1.76 2.82 -2.89
C ILE A 38 -0.72 1.71 -3.06
N LEU A 39 0.28 1.70 -2.19
CA LEU A 39 1.44 0.83 -2.33
C LEU A 39 1.33 -0.42 -1.47
N GLY A 40 0.22 -1.13 -1.57
CA GLY A 40 0.15 -2.45 -0.95
C GLY A 40 -0.45 -2.43 0.44
N ASP A 41 -1.00 -3.59 0.82
CA ASP A 41 -1.58 -3.81 2.14
C ASP A 41 -2.72 -2.84 2.42
N LEU A 42 -3.52 -2.55 1.39
CA LEU A 42 -4.75 -1.81 1.61
C LEU A 42 -5.71 -2.58 2.50
N PHE A 43 -5.80 -3.89 2.29
CA PHE A 43 -6.65 -4.76 3.08
C PHE A 43 -5.79 -5.69 3.91
N GLU A 44 -6.30 -6.05 5.10
CA GLU A 44 -5.58 -7.00 5.94
C GLU A 44 -5.57 -8.40 5.33
N ALA A 45 -6.56 -8.71 4.50
CA ALA A 45 -6.65 -10.03 3.90
C ALA A 45 -7.42 -9.93 2.59
N TRP A 46 -7.11 -10.85 1.67
CA TRP A 46 -7.83 -10.91 0.40
C TRP A 46 -7.75 -12.33 -0.13
N ILE A 47 -8.92 -12.93 -0.40
CA ILE A 47 -9.00 -14.31 -0.88
C ILE A 47 -9.60 -14.37 -2.27
N GLY A 48 -9.80 -13.23 -2.93
CA GLY A 48 -10.34 -13.19 -4.27
C GLY A 48 -11.38 -12.10 -4.41
N ASP A 49 -11.57 -11.63 -5.64
CA ASP A 49 -12.49 -10.53 -5.90
C ASP A 49 -13.95 -10.95 -5.78
N ASP A 50 -14.24 -12.26 -5.81
CA ASP A 50 -15.61 -12.74 -5.64
C ASP A 50 -16.03 -12.79 -4.19
N ASP A 51 -15.16 -12.42 -3.26
CA ASP A 51 -15.49 -12.33 -1.86
C ASP A 51 -16.63 -11.33 -1.65
N PRO A 52 -17.77 -11.73 -1.09
CA PRO A 52 -18.88 -10.80 -0.90
C PRO A 52 -18.77 -9.91 0.33
N ASN A 53 -17.58 -9.82 0.95
CA ASN A 53 -17.37 -8.98 2.10
C ASN A 53 -17.84 -7.56 1.81
N PRO A 54 -18.85 -7.06 2.53
CA PRO A 54 -19.39 -5.72 2.22
C PRO A 54 -18.37 -4.61 2.33
N LEU A 55 -17.36 -4.77 3.20
CA LEU A 55 -16.30 -3.76 3.29
C LEU A 55 -15.60 -3.56 1.95
N HIS A 56 -15.48 -4.62 1.15
CA HIS A 56 -14.81 -4.49 -0.15
C HIS A 56 -15.60 -3.57 -1.07
N GLN A 57 -16.93 -3.66 -1.06
CA GLN A 57 -17.74 -2.82 -1.92
C GLN A 57 -17.80 -1.38 -1.42
N GLN A 58 -17.79 -1.20 -0.10
CA GLN A 58 -17.78 0.15 0.46
C GLN A 58 -16.49 0.88 0.10
N ILE A 59 -15.35 0.19 0.22
CA ILE A 59 -14.08 0.77 -0.17
C ILE A 59 -14.03 1.02 -1.68
N ALA A 60 -14.55 0.06 -2.46
CA ALA A 60 -14.52 0.20 -3.91
C ALA A 60 -15.33 1.41 -4.37
N SER A 61 -16.52 1.59 -3.79
N SER A 61 -16.52 1.60 -3.79
N SER A 61 -16.52 1.60 -3.79
CA SER A 61 -17.36 2.73 -4.17
CA SER A 61 -17.35 2.73 -4.18
CA SER A 61 -17.34 2.73 -4.18
C SER A 61 -16.71 4.04 -3.75
C SER A 61 -16.75 4.06 -3.73
C SER A 61 -16.75 4.06 -3.73
N ALA A 62 -16.01 4.06 -2.62
CA ALA A 62 -15.39 5.29 -2.15
C ALA A 62 -14.19 5.67 -3.00
N ILE A 63 -13.39 4.68 -3.40
CA ILE A 63 -12.29 4.95 -4.31
C ILE A 63 -12.82 5.35 -5.68
N LYS A 64 -13.89 4.71 -6.13
CA LYS A 64 -14.49 5.05 -7.42
C LYS A 64 -14.98 6.49 -7.44
N ALA A 65 -15.47 6.98 -6.30
CA ALA A 65 -15.90 8.37 -6.23
C ALA A 65 -14.73 9.32 -6.41
N VAL A 66 -13.56 8.95 -5.89
CA VAL A 66 -12.36 9.75 -6.12
C VAL A 66 -11.97 9.70 -7.59
N VAL A 67 -12.03 8.51 -8.20
CA VAL A 67 -11.68 8.37 -9.61
C VAL A 67 -12.65 9.18 -10.47
N ASP A 68 -13.95 9.15 -10.13
CA ASP A 68 -14.93 9.94 -10.86
C ASP A 68 -14.75 11.44 -10.66
N ALA A 69 -14.10 11.85 -9.57
CA ALA A 69 -13.79 13.24 -9.31
C ALA A 69 -12.58 13.74 -10.09
N GLY A 70 -12.00 12.89 -10.94
CA GLY A 70 -10.89 13.28 -11.78
C GLY A 70 -9.51 12.91 -11.26
N VAL A 71 -9.43 12.16 -10.17
CA VAL A 71 -8.14 11.80 -9.57
C VAL A 71 -7.85 10.35 -9.93
N PRO A 72 -6.89 10.07 -10.79
CA PRO A 72 -6.55 8.67 -11.08
C PRO A 72 -5.95 7.98 -9.86
N CYS A 73 -6.35 6.73 -9.67
CA CYS A 73 -5.97 5.95 -8.50
C CYS A 73 -5.23 4.71 -8.95
N TYR A 74 -4.10 4.41 -8.31
CA TYR A 74 -3.26 3.29 -8.70
C TYR A 74 -3.02 2.39 -7.50
N PHE A 75 -2.77 1.11 -7.78
CA PHE A 75 -2.59 0.12 -6.73
C PHE A 75 -1.43 -0.80 -7.07
N ILE A 76 -0.53 -0.97 -6.11
CA ILE A 76 0.51 -1.99 -6.16
C ILE A 76 0.21 -2.98 -5.05
N HIS A 77 0.37 -4.27 -5.34
CA HIS A 77 0.00 -5.30 -4.38
C HIS A 77 0.96 -5.33 -3.20
N GLY A 78 0.41 -5.63 -2.01
CA GLY A 78 1.21 -5.91 -0.84
C GLY A 78 1.26 -7.40 -0.54
N ASN A 79 1.90 -7.72 0.58
CA ASN A 79 2.00 -9.13 0.98
C ASN A 79 0.67 -9.66 1.50
N ARG A 80 -0.24 -8.79 1.92
CA ARG A 80 -1.52 -9.24 2.46
C ARG A 80 -2.59 -9.37 1.39
N ASP A 81 -2.61 -8.48 0.41
CA ASP A 81 -3.66 -8.40 -0.60
C ASP A 81 -3.12 -8.62 -2.00
N PHE A 82 -2.25 -9.63 -2.16
CA PHE A 82 -1.69 -9.91 -3.48
C PHE A 82 -2.69 -10.53 -4.43
N LEU A 83 -3.85 -10.97 -3.95
CA LEU A 83 -4.87 -11.57 -4.80
C LEU A 83 -5.87 -10.55 -5.35
N VAL A 84 -5.70 -9.27 -5.03
CA VAL A 84 -6.58 -8.25 -5.60
C VAL A 84 -6.43 -8.24 -7.11
N GLY A 85 -7.55 -8.45 -7.81
CA GLY A 85 -7.48 -8.63 -9.25
C GLY A 85 -8.23 -7.56 -10.05
N GLN A 86 -8.49 -7.88 -11.32
CA GLN A 86 -9.08 -6.90 -12.23
C GLN A 86 -10.57 -6.67 -11.96
N ARG A 87 -11.25 -7.61 -11.32
CA ARG A 87 -12.64 -7.38 -10.95
C ARG A 87 -12.75 -6.23 -9.96
N PHE A 88 -11.98 -6.28 -8.88
CA PHE A 88 -12.00 -5.18 -7.92
C PHE A 88 -11.43 -3.90 -8.52
N ALA A 89 -10.48 -4.02 -9.45
CA ALA A 89 -9.95 -2.83 -10.12
C ALA A 89 -11.03 -2.11 -10.90
N ARG A 90 -11.91 -2.86 -11.57
CA ARG A 90 -13.00 -2.25 -12.32
C ARG A 90 -14.05 -1.67 -11.38
N GLN A 91 -14.36 -2.36 -10.29
CA GLN A 91 -15.35 -1.86 -9.33
C GLN A 91 -14.87 -0.56 -8.69
N SER A 92 -13.58 -0.46 -8.40
CA SER A 92 -13.02 0.69 -7.72
C SER A 92 -12.49 1.77 -8.65
N GLY A 93 -12.38 1.49 -9.94
CA GLY A 93 -11.76 2.40 -10.87
C GLY A 93 -10.26 2.51 -10.76
N MET A 94 -9.62 1.68 -9.92
CA MET A 94 -8.18 1.71 -9.76
C MET A 94 -7.49 1.02 -10.92
N ILE A 95 -6.23 1.39 -11.14
CA ILE A 95 -5.37 0.77 -12.13
C ILE A 95 -4.34 -0.08 -11.39
N LEU A 96 -4.23 -1.34 -11.77
CA LEU A 96 -3.26 -2.24 -11.16
C LEU A 96 -1.89 -2.06 -11.81
N LEU A 97 -0.87 -1.87 -10.99
CA LEU A 97 0.50 -1.68 -11.46
C LEU A 97 1.35 -2.89 -11.08
N ALA A 98 2.53 -2.95 -11.68
CA ALA A 98 3.48 -4.01 -11.37
C ALA A 98 4.11 -3.77 -10.00
N GLU A 99 4.88 -4.76 -9.54
CA GLU A 99 5.48 -4.67 -8.22
C GLU A 99 6.57 -3.60 -8.15
N GLU A 100 7.10 -3.16 -9.28
CA GLU A 100 8.04 -2.05 -9.34
C GLU A 100 7.62 -1.11 -10.46
N GLU A 101 7.51 0.18 -10.16
CA GLU A 101 7.15 1.17 -11.16
C GLU A 101 8.04 2.40 -11.00
N ARG A 102 8.41 2.99 -12.12
CA ARG A 102 9.17 4.23 -12.16
C ARG A 102 8.26 5.36 -12.61
N LEU A 103 8.05 6.34 -11.74
CA LEU A 103 7.18 7.47 -12.03
C LEU A 103 8.00 8.73 -12.26
N ASP A 104 7.46 9.62 -13.08
CA ASP A 104 7.99 10.98 -13.20
C ASP A 104 7.05 11.90 -12.43
N LEU A 105 7.50 12.37 -11.27
CA LEU A 105 6.70 13.24 -10.41
C LEU A 105 7.30 14.64 -10.48
N TYR A 106 6.74 15.47 -11.38
CA TYR A 106 7.11 16.88 -11.48
C TYR A 106 8.60 17.07 -11.80
N GLY A 107 9.19 16.12 -12.54
CA GLY A 107 10.55 16.23 -13.00
C GLY A 107 11.49 15.19 -12.44
N ARG A 108 11.26 14.75 -11.21
N ARG A 108 11.26 14.75 -11.21
CA ARG A 108 12.12 13.76 -10.56
CA ARG A 108 12.11 13.77 -10.54
C ARG A 108 11.56 12.36 -10.78
C ARG A 108 11.56 12.36 -10.76
N GLU A 109 12.45 11.42 -11.08
CA GLU A 109 12.08 10.04 -11.31
C GLU A 109 12.07 9.30 -9.97
N VAL A 110 10.93 8.70 -9.63
CA VAL A 110 10.72 8.04 -8.36
C VAL A 110 10.37 6.58 -8.61
N LEU A 111 11.01 5.69 -7.86
CA LEU A 111 10.69 4.27 -7.89
C LEU A 111 9.72 3.96 -6.74
N ILE A 112 8.64 3.27 -7.06
CA ILE A 112 7.64 2.91 -6.06
C ILE A 112 7.45 1.39 -6.07
N MET A 113 7.18 0.85 -4.89
CA MET A 113 6.96 -0.57 -4.68
C MET A 113 6.39 -0.73 -3.28
N HIS A 114 5.90 -1.94 -2.99
CA HIS A 114 5.37 -2.18 -1.65
C HIS A 114 6.51 -2.22 -0.63
N GLY A 115 7.60 -2.90 -0.95
CA GLY A 115 8.77 -2.94 -0.10
C GLY A 115 9.12 -4.30 0.46
N ASP A 116 8.23 -5.30 0.35
CA ASP A 116 8.54 -6.61 0.92
C ASP A 116 9.66 -7.30 0.17
N THR A 117 9.78 -7.05 -1.14
CA THR A 117 10.85 -7.65 -1.93
C THR A 117 12.22 -7.10 -1.56
N LEU A 118 12.28 -5.99 -0.82
CA LEU A 118 13.54 -5.45 -0.33
C LEU A 118 14.02 -6.14 0.94
N CYS A 119 13.17 -6.91 1.60
CA CYS A 119 13.52 -7.55 2.87
C CYS A 119 14.08 -8.96 2.61
N THR A 120 15.26 -8.98 1.98
CA THR A 120 15.88 -10.23 1.56
C THR A 120 16.57 -10.98 2.69
N ASP A 121 16.56 -10.44 3.91
CA ASP A 121 17.09 -11.16 5.05
C ASP A 121 16.07 -12.12 5.67
N ASP A 122 14.79 -11.92 5.39
CA ASP A 122 13.74 -12.84 5.84
C ASP A 122 13.51 -13.87 4.74
N GLN A 123 14.38 -14.89 4.73
CA GLN A 123 14.26 -15.94 3.74
C GLN A 123 13.06 -16.84 4.01
N GLY A 124 12.58 -16.86 5.26
CA GLY A 124 11.34 -17.57 5.54
C GLY A 124 10.15 -16.95 4.84
N TYR A 125 10.07 -15.61 4.86
CA TYR A 125 8.98 -14.94 4.17
C TYR A 125 9.12 -15.05 2.66
N LEU A 126 10.33 -14.88 2.14
CA LEU A 126 10.51 -14.87 0.69
C LEU A 126 10.20 -16.23 0.08
N ALA A 127 10.36 -17.31 0.84
CA ALA A 127 9.90 -18.62 0.37
C ALA A 127 8.38 -18.64 0.27
N PHE A 128 7.70 -18.17 1.32
CA PHE A 128 6.25 -18.04 1.30
C PHE A 128 5.79 -17.17 0.13
N ARG A 129 6.48 -16.04 -0.09
CA ARG A 129 6.09 -15.16 -1.17
C ARG A 129 6.27 -15.81 -2.53
N ALA A 130 7.33 -16.61 -2.69
CA ALA A 130 7.56 -17.28 -3.96
C ALA A 130 6.44 -18.25 -4.28
N LYS A 131 5.89 -18.92 -3.27
CA LYS A 131 4.83 -19.90 -3.49
C LYS A 131 3.52 -19.20 -3.87
N VAL A 132 3.06 -18.27 -3.01
CA VAL A 132 1.77 -17.63 -3.23
C VAL A 132 1.75 -16.71 -4.43
N HIS A 133 2.91 -16.39 -5.01
CA HIS A 133 2.97 -15.60 -6.24
C HIS A 133 3.14 -16.47 -7.47
N THR A 134 3.23 -17.78 -7.31
CA THR A 134 3.26 -18.68 -8.45
C THR A 134 1.90 -18.68 -9.13
N PRO A 135 1.81 -18.41 -10.44
CA PRO A 135 0.49 -18.26 -11.07
C PRO A 135 -0.41 -19.48 -10.95
N TRP A 136 0.12 -20.69 -11.12
CA TRP A 136 -0.74 -21.87 -11.03
C TRP A 136 -1.18 -22.16 -9.61
N ILE A 137 -0.41 -21.71 -8.61
CA ILE A 137 -0.88 -21.83 -7.22
C ILE A 137 -2.00 -20.84 -6.95
N GLN A 138 -1.92 -19.65 -7.56
CA GLN A 138 -2.99 -18.67 -7.40
C GLN A 138 -4.27 -19.14 -8.10
N ARG A 139 -4.16 -19.67 -9.31
N ARG A 139 -4.16 -19.66 -9.31
CA ARG A 139 -5.34 -20.14 -10.02
CA ARG A 139 -5.33 -20.16 -10.03
C ARG A 139 -5.99 -21.32 -9.30
C ARG A 139 -6.00 -21.30 -9.27
N LEU A 140 -5.20 -22.17 -8.65
CA LEU A 140 -5.76 -23.29 -7.90
C LEU A 140 -6.47 -22.81 -6.64
N PHE A 141 -5.87 -21.85 -5.93
CA PHE A 141 -6.49 -21.34 -4.72
C PHE A 141 -7.79 -20.60 -5.04
N LEU A 142 -7.78 -19.78 -6.09
CA LEU A 142 -8.97 -19.04 -6.47
C LEU A 142 -10.09 -19.94 -6.96
N ALA A 143 -9.76 -21.15 -7.47
CA ALA A 143 -10.80 -22.07 -7.90
C ALA A 143 -11.51 -22.74 -6.73
N LEU A 144 -10.90 -22.73 -5.54
CA LEU A 144 -11.54 -23.34 -4.38
C LEU A 144 -12.81 -22.58 -4.03
N PRO A 145 -13.78 -23.25 -3.41
CA PRO A 145 -15.00 -22.54 -3.00
C PRO A 145 -14.69 -21.46 -1.98
N LEU A 146 -15.57 -20.46 -1.91
CA LEU A 146 -15.32 -19.30 -1.06
C LEU A 146 -15.21 -19.71 0.41
N PHE A 147 -16.10 -20.57 0.89
CA PHE A 147 -16.04 -20.97 2.28
C PHE A 147 -14.77 -21.76 2.58
N ILE A 148 -14.24 -22.49 1.59
CA ILE A 148 -12.95 -23.15 1.79
C ILE A 148 -11.84 -22.11 1.89
N ARG A 149 -11.86 -21.10 1.01
CA ARG A 149 -10.83 -20.06 1.04
C ARG A 149 -10.89 -19.26 2.33
N HIS A 150 -12.10 -18.97 2.83
CA HIS A 150 -12.25 -18.28 4.10
C HIS A 150 -11.59 -19.06 5.23
N ARG A 151 -11.83 -20.37 5.28
CA ARG A 151 -11.26 -21.19 6.35
C ARG A 151 -9.76 -21.38 6.18
N ILE A 152 -9.27 -21.40 4.94
CA ILE A 152 -7.82 -21.47 4.72
C ILE A 152 -7.15 -20.20 5.24
N ALA A 153 -7.70 -19.04 4.89
CA ALA A 153 -7.09 -17.78 5.29
C ALA A 153 -7.15 -17.59 6.81
N ALA A 154 -8.28 -17.95 7.43
CA ALA A 154 -8.42 -17.78 8.87
C ALA A 154 -7.43 -18.65 9.62
N ARG A 155 -7.21 -19.87 9.14
CA ARG A 155 -6.25 -20.76 9.81
C ARG A 155 -4.82 -20.27 9.63
N MET A 156 -4.48 -19.78 8.42
CA MET A 156 -3.13 -19.29 8.18
C MET A 156 -2.84 -18.02 8.97
N ARG A 157 -3.85 -17.17 9.17
CA ARG A 157 -3.65 -15.98 10.00
C ARG A 157 -3.42 -16.36 11.45
N ALA A 158 -4.21 -17.29 11.98
CA ALA A 158 -4.02 -17.74 13.35
C ALA A 158 -2.68 -18.46 13.51
N ASP A 159 -2.27 -19.22 12.50
CA ASP A 159 -0.98 -19.92 12.57
C ASP A 159 0.18 -18.93 12.52
N SER A 160 0.08 -17.91 11.67
N SER A 160 0.10 -17.92 11.65
CA SER A 160 1.12 -16.88 11.62
CA SER A 160 1.12 -16.89 11.61
C SER A 160 1.14 -16.06 12.90
C SER A 160 1.13 -16.04 12.88
N LYS A 161 0.01 -15.95 13.59
CA LYS A 161 -0.03 -15.23 14.86
C LYS A 161 0.66 -15.99 15.97
N ALA A 162 0.75 -17.31 15.86
CA ALA A 162 1.43 -18.13 16.87
C ALA A 162 2.94 -18.11 16.68
N GLU A 170 6.58 -8.44 14.34
CA GLU A 170 8.00 -8.21 14.14
C GLU A 170 8.37 -8.31 12.67
N ILE A 171 8.12 -7.22 11.93
CA ILE A 171 8.39 -7.21 10.50
C ILE A 171 9.88 -6.96 10.26
N MET A 172 10.50 -7.81 9.47
CA MET A 172 11.91 -7.63 9.12
C MET A 172 12.07 -6.39 8.24
N ASP A 173 13.12 -5.61 8.52
CA ASP A 173 13.37 -4.40 7.76
C ASP A 173 14.05 -4.73 6.44
N VAL A 174 14.26 -3.71 5.62
CA VAL A 174 14.83 -3.91 4.29
C VAL A 174 16.33 -4.21 4.38
N ASN A 175 16.85 -4.81 3.31
CA ASN A 175 18.28 -5.03 3.18
C ASN A 175 18.92 -3.85 2.48
N PRO A 176 19.96 -3.22 3.05
CA PRO A 176 20.50 -2.00 2.44
C PRO A 176 21.00 -2.19 1.01
N GLN A 177 21.62 -3.34 0.71
CA GLN A 177 22.12 -3.55 -0.64
C GLN A 177 20.99 -3.81 -1.62
N ALA A 178 19.91 -4.45 -1.19
CA ALA A 178 18.75 -4.63 -2.06
C ALA A 178 18.14 -3.29 -2.45
N VAL A 179 18.19 -2.32 -1.53
CA VAL A 179 17.71 -0.97 -1.86
C VAL A 179 18.58 -0.34 -2.93
N VAL A 180 19.91 -0.44 -2.76
CA VAL A 180 20.82 0.13 -3.76
C VAL A 180 20.63 -0.56 -5.11
N ASP A 181 20.45 -1.88 -5.10
N ASP A 181 20.45 -1.88 -5.10
CA ASP A 181 20.29 -2.62 -6.35
CA ASP A 181 20.29 -2.62 -6.35
C ASP A 181 19.03 -2.18 -7.08
C ASP A 181 19.03 -2.18 -7.08
N ALA A 182 17.93 -1.95 -6.34
CA ALA A 182 16.69 -1.53 -6.98
C ALA A 182 16.80 -0.12 -7.55
N MET A 183 17.39 0.80 -6.79
CA MET A 183 17.50 2.18 -7.25
C MET A 183 18.51 2.34 -8.37
N GLU A 184 19.45 1.40 -8.53
CA GLU A 184 20.38 1.43 -9.64
C GLU A 184 19.85 0.68 -10.85
N ARG A 185 19.05 -0.37 -10.64
CA ARG A 185 18.38 -1.02 -11.77
C ARG A 185 17.46 -0.04 -12.49
N HIS A 186 16.81 0.85 -11.74
CA HIS A 186 15.90 1.84 -12.31
C HIS A 186 16.53 3.21 -12.50
N HIS A 187 17.76 3.41 -12.03
N HIS A 187 17.77 3.41 -12.04
CA HIS A 187 18.50 4.67 -12.19
CA HIS A 187 18.48 4.67 -12.20
C HIS A 187 17.70 5.84 -11.60
C HIS A 187 17.70 5.84 -11.60
N VAL A 188 17.38 5.72 -10.31
CA VAL A 188 16.60 6.73 -9.61
C VAL A 188 17.33 7.14 -8.34
N GLN A 189 17.08 8.37 -7.90
CA GLN A 189 17.57 8.88 -6.63
C GLN A 189 16.45 8.97 -5.59
N TRP A 190 15.26 8.49 -5.92
CA TRP A 190 14.12 8.56 -5.01
C TRP A 190 13.36 7.24 -5.03
N LEU A 191 13.08 6.72 -3.84
CA LEU A 191 12.33 5.48 -3.69
C LEU A 191 11.29 5.65 -2.60
N ILE A 192 10.05 5.26 -2.89
CA ILE A 192 8.96 5.30 -1.92
C ILE A 192 8.39 3.88 -1.80
N HIS A 193 8.25 3.42 -0.57
CA HIS A 193 7.70 2.10 -0.31
C HIS A 193 7.08 2.07 1.09
N GLY A 194 6.40 0.97 1.38
CA GLY A 194 5.84 0.77 2.70
C GLY A 194 6.29 -0.54 3.33
N HIS A 195 5.32 -1.35 3.77
CA HIS A 195 5.53 -2.70 4.27
C HIS A 195 6.25 -2.74 5.63
N THR A 196 7.35 -2.02 5.77
CA THR A 196 8.16 -2.14 6.98
C THR A 196 7.56 -1.44 8.19
N HIS A 197 6.55 -0.59 8.00
CA HIS A 197 5.87 0.10 9.09
C HIS A 197 6.82 0.99 9.89
N ARG A 198 7.87 1.50 9.24
CA ARG A 198 8.86 2.38 9.87
C ARG A 198 8.93 3.67 9.07
N PRO A 199 7.96 4.57 9.26
CA PRO A 199 7.95 5.82 8.48
C PRO A 199 9.20 6.65 8.77
N ALA A 200 9.95 6.94 7.71
CA ALA A 200 11.24 7.62 7.84
C ALA A 200 11.68 8.10 6.48
N VAL A 201 12.72 8.93 6.47
CA VAL A 201 13.44 9.34 5.27
C VAL A 201 14.89 8.94 5.46
N HIS A 202 15.40 8.09 4.57
CA HIS A 202 16.76 7.58 4.65
C HIS A 202 17.57 8.16 3.50
N GLU A 203 18.73 8.70 3.80
CA GLU A 203 19.67 9.14 2.78
C GLU A 203 20.69 8.05 2.52
N LEU A 204 20.98 7.81 1.25
CA LEU A 204 21.98 6.84 0.83
C LEU A 204 22.65 7.36 -0.43
N GLN A 205 23.42 6.50 -1.08
CA GLN A 205 24.04 6.85 -2.35
C GLN A 205 23.75 5.75 -3.37
N ALA A 206 23.19 6.16 -4.50
CA ALA A 206 22.91 5.26 -5.62
C ALA A 206 23.27 5.96 -6.91
N ASN A 207 23.82 5.20 -7.86
CA ASN A 207 24.30 5.74 -9.14
C ASN A 207 25.32 6.84 -8.95
N GLY A 208 26.13 6.72 -7.89
CA GLY A 208 27.17 7.69 -7.59
C GLY A 208 26.69 9.03 -7.11
N GLN A 209 25.42 9.15 -6.74
CA GLN A 209 24.83 10.40 -6.30
C GLN A 209 23.98 10.15 -5.06
N PRO A 210 23.71 11.18 -4.27
CA PRO A 210 22.83 10.99 -3.10
C PRO A 210 21.44 10.56 -3.51
N ALA A 211 20.89 9.61 -2.77
CA ALA A 211 19.56 9.08 -3.01
C ALA A 211 18.79 9.04 -1.71
N TRP A 212 17.46 8.90 -1.81
CA TRP A 212 16.60 8.93 -0.64
C TRP A 212 15.56 7.83 -0.73
N ARG A 213 15.36 7.15 0.40
CA ARG A 213 14.34 6.12 0.54
C ARG A 213 13.28 6.62 1.52
N VAL A 214 12.07 6.83 1.03
CA VAL A 214 10.96 7.34 1.83
C VAL A 214 10.04 6.18 2.17
N VAL A 215 9.75 6.00 3.46
CA VAL A 215 8.97 4.86 3.94
C VAL A 215 7.65 5.36 4.49
N LEU A 216 6.57 4.73 4.07
CA LEU A 216 5.24 5.05 4.57
C LEU A 216 5.00 4.37 5.92
N GLY A 217 4.05 4.92 6.67
CA GLY A 217 3.68 4.37 7.96
C GLY A 217 2.36 3.62 7.88
N ALA A 218 2.21 2.64 8.78
CA ALA A 218 0.95 1.91 8.86
C ALA A 218 -0.10 2.75 9.58
N TRP A 219 -1.36 2.50 9.24
CA TRP A 219 -2.47 3.23 9.84
C TRP A 219 -2.88 2.51 11.12
N HIS A 220 -2.07 2.71 12.16
CA HIS A 220 -2.31 2.08 13.46
C HIS A 220 -3.26 2.95 14.30
N SER A 221 -2.74 4.06 14.82
CA SER A 221 -3.55 5.02 15.56
C SER A 221 -3.82 6.30 14.80
N GLU A 222 -2.99 6.64 13.81
CA GLU A 222 -3.21 7.81 12.98
C GLU A 222 -2.85 7.46 11.54
N GLY A 223 -3.38 8.26 10.62
CA GLY A 223 -3.10 8.06 9.22
C GLY A 223 -1.70 8.49 8.84
N SER A 224 -1.26 8.04 7.67
CA SER A 224 0.06 8.34 7.17
C SER A 224 0.02 8.44 5.65
N MET A 225 0.72 9.41 5.09
CA MET A 225 0.80 9.57 3.65
C MET A 225 2.09 10.30 3.30
N VAL A 226 2.55 10.08 2.08
CA VAL A 226 3.65 10.83 1.48
C VAL A 226 3.08 11.71 0.38
N LYS A 227 3.35 13.00 0.47
CA LYS A 227 2.89 13.98 -0.53
C LYS A 227 4.11 14.48 -1.29
N VAL A 228 4.10 14.27 -2.61
CA VAL A 228 5.17 14.74 -3.48
C VAL A 228 4.65 15.93 -4.27
N THR A 229 5.32 17.07 -4.12
CA THR A 229 5.00 18.28 -4.86
C THR A 229 6.18 18.62 -5.78
N PRO A 230 6.04 19.56 -6.70
CA PRO A 230 7.22 20.01 -7.45
C PRO A 230 8.32 20.59 -6.55
N ASP A 231 7.99 20.98 -5.33
CA ASP A 231 8.94 21.69 -4.47
C ASP A 231 9.56 20.82 -3.38
N ASP A 232 8.90 19.76 -2.94
CA ASP A 232 9.40 18.99 -1.82
C ASP A 232 8.73 17.62 -1.77
N VAL A 233 9.21 16.80 -0.83
CA VAL A 233 8.59 15.52 -0.49
C VAL A 233 8.20 15.59 0.98
N GLU A 234 6.96 15.21 1.29
CA GLU A 234 6.40 15.40 2.62
C GLU A 234 5.88 14.08 3.17
N LEU A 235 6.36 13.70 4.35
CA LEU A 235 5.79 12.59 5.11
C LEU A 235 4.84 13.17 6.15
N ILE A 236 3.55 12.85 6.02
CA ILE A 236 2.50 13.53 6.77
C ILE A 236 1.74 12.51 7.61
N HIS A 237 1.53 12.83 8.88
CA HIS A 237 0.72 12.04 9.80
C HIS A 237 -0.47 12.87 10.25
N PHE A 238 -1.66 12.27 10.23
CA PHE A 238 -2.91 12.97 10.49
C PHE A 238 -3.86 12.05 11.23
N PRO A 239 -4.79 12.60 11.99
CA PRO A 239 -5.75 11.75 12.70
C PRO A 239 -6.81 11.17 11.77
N PHE A 240 -7.38 10.05 12.20
CA PHE A 240 -8.40 9.37 11.40
C PHE A 240 -9.64 10.24 11.23
N LEU A 241 -10.26 10.62 12.34
CA LEU A 241 -11.52 11.35 12.31
C LEU A 241 -11.29 12.82 12.64
N GLU A 242 -12.31 13.63 12.38
CA GLU A 242 -12.28 15.05 12.70
C GLU A 242 -12.19 15.24 14.21
N GLU A 243 -11.05 15.73 14.68
CA GLU A 243 -10.84 15.95 16.11
C GLU A 243 -11.41 17.32 16.46
N ASN A 244 -12.70 17.34 16.76
CA ASN A 244 -13.39 18.60 17.06
C ASN A 244 -12.80 19.24 18.31
N LEU A 245 -12.29 20.46 18.15
CA LEU A 245 -11.71 21.19 19.27
C LEU A 245 -12.77 21.60 20.26
N TYR A 246 -12.45 21.49 21.54
CA TYR A 246 -13.31 21.99 22.61
C TYR A 246 -12.43 22.46 23.75
N PHE A 247 -12.99 23.34 24.58
CA PHE A 247 -12.23 23.93 25.66
C PHE A 247 -12.73 23.47 27.03
N HIS A 250 -7.99 24.70 31.60
CA HIS A 250 -6.78 24.97 32.36
C HIS A 250 -6.88 26.29 33.12
N HIS A 251 -5.92 26.53 34.01
CA HIS A 251 -5.91 27.73 34.83
C HIS A 251 -4.49 28.22 35.01
N HIS A 252 -4.36 29.51 35.33
CA HIS A 252 -3.05 30.14 35.51
C HIS A 252 -2.62 30.08 36.97
MN MN B . 1.71 -3.61 6.16
MN MN C . 3.47 -5.43 3.74
C13 OKY D . -1.96 -12.89 3.59
C15 OKY D . -0.10 -13.63 4.92
C17 OKY D . -2.31 -14.59 5.30
C21 OKY D . 2.46 -13.04 5.03
C24 OKY D . -3.11 -19.53 0.26
C26 OKY D . -2.34 -20.14 -1.93
C01 OKY D . -2.99 -17.85 -1.46
C02 OKY D . -3.28 -18.21 -0.18
C04 OKY D . -4.35 -15.93 0.26
C05 OKY D . -4.23 -14.83 1.31
C07 OKY D . -4.40 -16.51 3.03
C08 OKY D . -4.60 -17.54 1.92
C12 OKY D . -2.82 -13.79 4.30
C14 OKY D . -0.62 -12.82 3.90
C16 OKY D . -0.95 -14.52 5.63
C18 OKY D . -0.11 -15.27 6.66
C19 OKY D . 1.29 -14.76 6.54
C23 OKY D . 3.83 -13.30 5.71
C25 OKY D . -2.65 -20.47 -0.61
C27 OKY D . -2.52 -18.83 -2.35
C29 OKY D . -2.47 -21.85 -0.13
F30 OKY D . -3.49 -22.15 0.78
F31 OKY D . -2.53 -22.71 -1.18
F32 OKY D . -1.26 -21.95 0.49
N03 OKY D . -3.77 -17.19 0.76
N06 OKY D . -4.81 -15.13 2.64
N20 OKY D . 1.29 -13.77 5.47
O10 OKY D . -5.48 -14.05 5.06
O11 OKY D . -5.05 -12.59 3.29
O22 OKY D . 2.37 -12.29 4.18
S09 OKY D . -4.60 -13.87 3.86
CL28 OKY D . -2.15 -18.35 -4.04
C1 EDO E . -11.86 -12.58 4.85
O1 EDO E . -10.64 -13.32 4.74
C2 EDO E . -11.79 -11.39 3.91
O2 EDO E . -13.13 -11.01 3.53
C1 EDO F . 1.59 5.46 -13.95
O1 EDO F . 2.60 4.46 -14.14
C2 EDO F . 1.86 6.63 -14.90
O2 EDO F . 0.68 7.44 -15.01
#